data_2I6Q
#
_entry.id   2I6Q
#
_cell.length_a   51.482
_cell.length_b   77.185
_cell.length_c   70.858
_cell.angle_alpha   90.000
_cell.angle_beta   109.550
_cell.angle_gamma   90.000
#
_symmetry.space_group_name_H-M   'P 1 21 1'
#
loop_
_entity.id
_entity.type
_entity.pdbx_description
1 polymer 'Complement C2a fragment'
2 branched 2-acetamido-2-deoxy-beta-D-glucopyranose-(1-4)-[alpha-L-fucopyranose-(1-6)]2-acetamido-2-deoxy-beta-D-glucopyranose
3 branched beta-D-mannopyranose-(1-4)-2-acetamido-2-deoxy-beta-D-glucopyranose-(1-4)-2-acetamido-2-deoxy-beta-D-glucopyranose
4 non-polymer 2-acetamido-2-deoxy-beta-D-glucopyranose
5 non-polymer 'MANGANESE (II) ION'
6 non-polymer 'MALONATE ION'
7 water water
#
_entity_poly.entity_id   1
_entity_poly.type   'polypeptide(L)'
_entity_poly.pdbx_seq_one_letter_code
;HHHHHHGSKIQIQRSGHLNLYLLLDCSQSVSENDFLIFKESASLMVDRIFSFEINVSVAIITFASEPKVLMSVLNDNSRD
MTEVISSLENANYKDHENGTGTNTYAALNSVYLMMNNQMRLLGMETMAWQEIRHAIILLTDGKSNMGGSPKTAVDHIREI
LNINQKRNDYLDIYAIGVGKLDVDWRELNELGSKKDGERHAFILQDTKALHQVFEHMLDVSKLTDTICGVGNMSANASDQ
ERTPWHVTIKPKSQETCRGALISDQWVLTAAHCFRDGNDHSLWRVNVGDPKSQWGKEFLIEKAVISPGFDVFAKKNQGIL
EFYGDDIALLKLAQKVKMSTHARPICLPCTMEANLALRRPQGSTCRDHENELLNKQSVPAHFVALNGSKLNINLKMGVEW
TSCAEVVSQEKTMFPNLTDVREVVTDQFLCSGTQEDESPCKGESGGAVFLERRFRFFQVGLVSWGLYNPCLGSADKNSRK
RAPRSKVPPPRDFHINLFRMQPWLRQHLGDVLNFLPL
;
_entity_poly.pdbx_strand_id   A
#
# COMPACT_ATOMS: atom_id res chain seq x y z
N SER A 8 -18.69 -8.51 9.79
CA SER A 8 -19.38 -8.40 8.48
C SER A 8 -18.38 -8.45 7.31
N LYS A 9 -17.10 -8.50 7.64
CA LYS A 9 -16.03 -8.34 6.66
C LYS A 9 -14.95 -9.40 6.89
N ILE A 10 -14.04 -9.54 5.92
CA ILE A 10 -12.83 -10.32 6.14
C ILE A 10 -11.91 -9.57 7.10
N GLN A 11 -11.48 -10.26 8.17
CA GLN A 11 -10.70 -9.65 9.22
C GLN A 11 -9.20 -9.80 8.99
N ILE A 12 -8.52 -8.65 8.83
CA ILE A 12 -7.06 -8.62 8.78
C ILE A 12 -6.48 -8.31 10.15
N GLN A 13 -5.87 -9.32 10.75
CA GLN A 13 -5.37 -9.21 12.12
C GLN A 13 -4.24 -10.22 12.32
N ARG A 14 -3.47 -10.00 13.38
CA ARG A 14 -2.32 -10.84 13.71
C ARG A 14 -2.71 -12.19 14.31
N SER A 15 -3.66 -12.19 15.23
CA SER A 15 -4.06 -13.42 15.91
C SER A 15 -4.85 -14.38 15.02
N GLY A 16 -4.70 -15.67 15.29
CA GLY A 16 -5.40 -16.70 14.54
C GLY A 16 -4.85 -16.87 13.14
N HIS A 17 -5.71 -17.30 12.22
CA HIS A 17 -5.28 -17.64 10.88
C HIS A 17 -6.43 -17.38 9.91
N LEU A 18 -6.09 -16.95 8.70
CA LEU A 18 -7.07 -16.76 7.63
C LEU A 18 -6.90 -17.82 6.56
N ASN A 19 -7.96 -18.59 6.31
CA ASN A 19 -8.03 -19.44 5.11
C ASN A 19 -8.85 -18.75 4.04
N LEU A 20 -8.23 -18.53 2.88
CA LEU A 20 -8.95 -17.89 1.79
C LEU A 20 -9.12 -18.89 0.64
N TYR A 21 -10.36 -19.09 0.22
CA TYR A 21 -10.65 -20.04 -0.84
C TYR A 21 -11.11 -19.30 -2.09
N LEU A 22 -10.32 -19.38 -3.16
CA LEU A 22 -10.69 -18.74 -4.42
C LEU A 22 -11.28 -19.76 -5.40
N LEU A 23 -12.56 -19.59 -5.72
CA LEU A 23 -13.26 -20.50 -6.63
C LEU A 23 -13.52 -19.83 -7.99
N LEU A 24 -12.82 -20.29 -9.02
CA LEU A 24 -12.90 -19.67 -10.33
C LEU A 24 -13.77 -20.47 -11.31
N ASP A 25 -14.89 -19.87 -11.69
CA ASP A 25 -15.82 -20.45 -12.66
C ASP A 25 -15.15 -20.59 -14.01
N CYS A 26 -15.00 -21.84 -14.45
CA CYS A 26 -14.34 -22.14 -15.70
C CYS A 26 -15.31 -22.83 -16.66
N SER A 27 -16.60 -22.61 -16.47
CA SER A 27 -17.61 -23.23 -17.31
C SER A 27 -17.75 -22.48 -18.63
N GLN A 28 -18.46 -23.08 -19.59
CA GLN A 28 -18.46 -22.56 -20.95
C GLN A 28 -19.17 -21.21 -21.11
N SER A 29 -20.00 -20.85 -20.15
CA SER A 29 -20.61 -19.51 -20.13
C SER A 29 -19.56 -18.45 -19.79
N VAL A 30 -18.52 -18.87 -19.08
CA VAL A 30 -17.33 -18.03 -18.90
C VAL A 30 -16.41 -18.27 -20.09
N SER A 31 -16.28 -17.25 -20.94
CA SER A 31 -15.38 -17.33 -22.08
C SER A 31 -13.94 -17.50 -21.62
N GLU A 32 -13.07 -17.85 -22.56
CA GLU A 32 -11.65 -18.01 -22.26
C GLU A 32 -11.02 -16.72 -21.76
N ASN A 33 -11.36 -15.61 -22.41
CA ASN A 33 -10.92 -14.29 -21.96
C ASN A 33 -11.55 -13.84 -20.65
N ASP A 34 -12.82 -14.16 -20.45
CA ASP A 34 -13.48 -13.91 -19.18
C ASP A 34 -12.76 -14.63 -18.04
N PHE A 35 -12.20 -15.79 -18.34
CA PHE A 35 -11.49 -16.59 -17.36
C PHE A 35 -10.12 -15.99 -17.04
N LEU A 36 -9.47 -15.41 -18.04
CA LEU A 36 -8.22 -14.69 -17.83
C LEU A 36 -8.43 -13.48 -16.92
N ILE A 37 -9.56 -12.81 -17.07
CA ILE A 37 -9.94 -11.73 -16.16
C ILE A 37 -10.14 -12.24 -14.73
N PHE A 38 -10.70 -13.43 -14.59
CA PHE A 38 -10.85 -14.11 -13.30
C PHE A 38 -9.51 -14.44 -12.67
N LYS A 39 -8.59 -14.97 -13.47
CA LYS A 39 -7.27 -15.31 -12.97
C LYS A 39 -6.55 -14.06 -12.52
N GLU A 40 -6.71 -12.99 -13.29
CA GLU A 40 -6.12 -11.70 -12.99
C GLU A 40 -6.69 -11.10 -11.71
N SER A 41 -7.98 -11.36 -11.44
CA SER A 41 -8.61 -10.84 -10.23
C SER A 41 -8.15 -11.63 -9.02
N ALA A 42 -8.14 -12.96 -9.15
CA ALA A 42 -7.58 -13.84 -8.13
C ALA A 42 -6.16 -13.43 -7.73
N SER A 43 -5.31 -13.18 -8.70
CA SER A 43 -3.92 -12.84 -8.42
C SER A 43 -3.83 -11.55 -7.61
N LEU A 44 -4.71 -10.60 -7.93
CA LEU A 44 -4.77 -9.34 -7.21
C LEU A 44 -5.18 -9.53 -5.75
N MET A 45 -6.19 -10.38 -5.53
CA MET A 45 -6.63 -10.69 -4.17
C MET A 45 -5.58 -11.45 -3.37
N VAL A 46 -4.85 -12.35 -4.03
CA VAL A 46 -3.76 -13.05 -3.38
C VAL A 46 -2.61 -12.09 -3.02
N ASP A 47 -2.17 -11.30 -3.98
CA ASP A 47 -1.10 -10.33 -3.76
C ASP A 47 -1.44 -9.36 -2.63
N ARG A 48 -2.71 -8.93 -2.59
CA ARG A 48 -3.17 -7.99 -1.57
C ARG A 48 -3.27 -8.63 -0.19
N ILE A 49 -3.89 -9.80 -0.12
CA ILE A 49 -4.05 -10.48 1.17
C ILE A 49 -2.71 -10.80 1.83
N PHE A 50 -1.68 -11.00 1.00
CA PHE A 50 -0.33 -11.26 1.49
C PHE A 50 0.44 -10.00 1.88
N SER A 51 -0.04 -8.82 1.48
CA SER A 51 0.72 -7.59 1.74
C SER A 51 0.68 -7.14 3.20
N PHE A 52 -0.20 -7.78 3.98
CA PHE A 52 -0.44 -7.39 5.37
C PHE A 52 0.44 -8.18 6.34
N GLU A 53 1.15 -9.16 5.81
CA GLU A 53 2.06 -9.99 6.60
C GLU A 53 1.34 -10.77 7.71
N ILE A 54 0.06 -11.05 7.50
CA ILE A 54 -0.69 -11.90 8.43
C ILE A 54 -0.56 -13.37 8.07
N ASN A 55 -1.01 -14.23 8.98
CA ASN A 55 -1.04 -15.66 8.74
C ASN A 55 -2.21 -16.04 7.85
N VAL A 56 -1.90 -16.39 6.60
CA VAL A 56 -2.92 -16.66 5.60
C VAL A 56 -2.56 -17.89 4.75
N SER A 57 -3.54 -18.74 4.52
CA SER A 57 -3.41 -19.85 3.58
C SER A 57 -4.40 -19.62 2.46
N VAL A 58 -4.00 -19.89 1.23
CA VAL A 58 -4.91 -19.72 0.09
C VAL A 58 -5.16 -20.99 -0.69
N ALA A 59 -6.43 -21.38 -0.83
CA ALA A 59 -6.81 -22.47 -1.72
C ALA A 59 -7.25 -21.92 -3.08
N ILE A 60 -6.88 -22.62 -4.15
CA ILE A 60 -7.27 -22.24 -5.50
C ILE A 60 -8.04 -23.38 -6.16
N ILE A 61 -9.29 -23.10 -6.52
CA ILE A 61 -10.14 -24.10 -7.17
C ILE A 61 -10.73 -23.51 -8.45
N THR A 62 -10.67 -24.26 -9.54
CA THR A 62 -11.43 -23.91 -10.73
C THR A 62 -12.56 -24.92 -10.90
N PHE A 63 -13.69 -24.48 -11.45
CA PHE A 63 -14.85 -25.36 -11.50
C PHE A 63 -15.71 -25.17 -12.74
N ALA A 64 -16.21 -26.28 -13.24
CA ALA A 64 -17.27 -26.30 -14.24
C ALA A 64 -18.29 -27.36 -13.83
N SER A 65 -18.34 -28.48 -14.55
CA SER A 65 -19.12 -29.63 -14.12
C SER A 65 -18.49 -30.31 -12.92
N GLU A 66 -17.16 -30.27 -12.86
CA GLU A 66 -16.41 -30.77 -11.71
C GLU A 66 -15.52 -29.65 -11.18
N PRO A 67 -15.19 -29.70 -9.90
CA PRO A 67 -14.18 -28.81 -9.32
C PRO A 67 -12.76 -29.36 -9.53
N LYS A 68 -11.78 -28.46 -9.57
CA LYS A 68 -10.38 -28.86 -9.68
C LYS A 68 -9.56 -28.07 -8.65
N VAL A 69 -8.90 -28.80 -7.75
CA VAL A 69 -8.11 -28.17 -6.71
C VAL A 69 -6.67 -27.98 -7.18
N LEU A 70 -6.28 -26.72 -7.37
CA LEU A 70 -4.91 -26.42 -7.77
C LEU A 70 -4.03 -26.19 -6.54
N MET A 71 -4.64 -25.74 -5.45
CA MET A 71 -3.96 -25.56 -4.17
C MET A 71 -4.93 -25.83 -3.01
N SER A 72 -4.52 -26.69 -2.09
CA SER A 72 -5.30 -26.95 -0.89
C SER A 72 -4.65 -26.30 0.32
N VAL A 73 -5.47 -25.87 1.28
CA VAL A 73 -4.95 -25.36 2.55
C VAL A 73 -4.28 -26.44 3.40
N LEU A 74 -4.50 -27.70 3.03
CA LEU A 74 -3.82 -28.80 3.70
C LEU A 74 -2.38 -28.89 3.23
N ASN A 75 -2.10 -28.30 2.08
CA ASN A 75 -0.74 -28.09 1.60
C ASN A 75 -0.13 -26.87 2.27
N ASP A 76 1.06 -27.05 2.84
CA ASP A 76 1.74 -25.94 3.50
C ASP A 76 2.20 -24.88 2.49
N ASN A 77 2.27 -25.30 1.23
CA ASN A 77 2.57 -24.38 0.13
C ASN A 77 1.53 -23.29 -0.09
N SER A 78 0.34 -23.49 0.47
CA SER A 78 -0.74 -22.50 0.37
C SER A 78 -0.48 -21.28 1.26
N ARG A 79 0.60 -21.33 2.04
CA ARG A 79 0.99 -20.18 2.84
C ARG A 79 2.15 -19.46 2.16
N ASP A 80 2.56 -19.98 1.01
CA ASP A 80 3.67 -19.42 0.24
C ASP A 80 3.12 -18.65 -0.96
N MET A 81 3.20 -17.32 -0.92
CA MET A 81 2.62 -16.50 -1.98
C MET A 81 3.11 -16.95 -3.35
N THR A 82 4.41 -17.24 -3.44
CA THR A 82 5.02 -17.70 -4.68
C THR A 82 4.30 -18.92 -5.25
N GLU A 83 4.11 -19.93 -4.42
CA GLU A 83 3.52 -21.19 -4.87
C GLU A 83 2.03 -21.06 -5.16
N VAL A 84 1.36 -20.15 -4.45
CA VAL A 84 -0.04 -19.85 -4.70
C VAL A 84 -0.21 -19.19 -6.07
N ILE A 85 0.65 -18.22 -6.38
CA ILE A 85 0.54 -17.49 -7.63
C ILE A 85 0.85 -18.37 -8.84
N SER A 86 1.81 -19.28 -8.69
CA SER A 86 2.17 -20.19 -9.75
C SER A 86 1.06 -21.20 -10.01
N SER A 87 0.46 -21.74 -8.95
CA SER A 87 -0.61 -22.72 -9.11
C SER A 87 -1.80 -22.08 -9.82
N LEU A 88 -2.04 -20.80 -9.53
CA LEU A 88 -3.05 -20.01 -10.22
C LEU A 88 -2.71 -19.78 -11.69
N GLU A 89 -1.48 -19.39 -11.96
CA GLU A 89 -1.02 -19.14 -13.33
C GLU A 89 -0.93 -20.44 -14.13
N ASN A 90 -0.83 -21.55 -13.43
CA ASN A 90 -0.86 -22.87 -14.06
C ASN A 90 -2.28 -23.27 -14.46
N ALA A 91 -3.27 -22.63 -13.84
CA ALA A 91 -4.67 -22.89 -14.16
C ALA A 91 -4.94 -22.69 -15.66
N ASN A 92 -5.56 -23.68 -16.27
CA ASN A 92 -5.87 -23.63 -17.70
C ASN A 92 -7.37 -23.77 -17.94
N TYR A 93 -7.90 -22.93 -18.82
CA TYR A 93 -9.31 -23.00 -19.20
C TYR A 93 -9.70 -24.41 -19.67
N LYS A 94 -8.82 -25.04 -20.45
CA LYS A 94 -9.10 -26.34 -21.06
C LYS A 94 -9.04 -27.48 -20.05
N ASP A 95 -8.70 -27.17 -18.81
CA ASP A 95 -8.70 -28.14 -17.71
C ASP A 95 -10.06 -28.79 -17.51
N HIS A 96 -11.12 -28.10 -17.93
CA HIS A 96 -12.48 -28.58 -17.69
C HIS A 96 -13.21 -28.93 -19.00
N GLU A 97 -12.44 -29.24 -20.03
CA GLU A 97 -12.98 -29.46 -21.38
C GLU A 97 -13.99 -30.60 -21.48
N ASN A 98 -13.92 -31.55 -20.55
CA ASN A 98 -14.80 -32.71 -20.57
C ASN A 98 -16.10 -32.54 -19.81
N GLY A 99 -16.27 -31.39 -19.16
CA GLY A 99 -17.47 -31.14 -18.37
C GLY A 99 -17.65 -29.64 -18.20
N THR A 100 -18.28 -29.01 -19.18
CA THR A 100 -18.31 -27.56 -19.28
C THR A 100 -19.58 -26.94 -18.69
N GLY A 101 -20.38 -27.74 -18.02
CA GLY A 101 -21.55 -27.25 -17.31
C GLY A 101 -21.16 -26.44 -16.09
N THR A 102 -22.13 -26.03 -15.29
CA THR A 102 -21.85 -25.24 -14.10
C THR A 102 -22.41 -25.88 -12.84
N ASN A 103 -21.54 -26.55 -12.09
CA ASN A 103 -21.92 -27.18 -10.84
C ASN A 103 -21.23 -26.48 -9.68
N THR A 104 -21.87 -25.42 -9.19
CA THR A 104 -21.36 -24.62 -8.09
C THR A 104 -21.42 -25.37 -6.76
N TYR A 105 -22.51 -26.08 -6.54
CA TYR A 105 -22.61 -26.98 -5.38
C TYR A 105 -21.38 -27.87 -5.24
N ALA A 106 -20.97 -28.49 -6.34
CA ALA A 106 -19.81 -29.37 -6.32
C ALA A 106 -18.52 -28.63 -5.95
N ALA A 107 -18.40 -27.39 -6.40
CA ALA A 107 -17.24 -26.55 -6.08
C ALA A 107 -17.20 -26.17 -4.60
N LEU A 108 -18.36 -25.80 -4.07
CA LEU A 108 -18.49 -25.51 -2.64
C LEU A 108 -18.34 -26.76 -1.77
N ASN A 109 -18.78 -27.91 -2.27
CA ASN A 109 -18.60 -29.16 -1.53
C ASN A 109 -17.13 -29.56 -1.44
N SER A 110 -16.38 -29.24 -2.49
CA SER A 110 -14.94 -29.41 -2.51
C SER A 110 -14.27 -28.65 -1.37
N VAL A 111 -14.74 -27.42 -1.12
CA VAL A 111 -14.27 -26.61 -0.01
C VAL A 111 -14.69 -27.24 1.33
N TYR A 112 -15.93 -27.73 1.39
CA TYR A 112 -16.39 -28.46 2.56
C TYR A 112 -15.51 -29.66 2.89
N LEU A 113 -15.21 -30.48 1.89
CA LEU A 113 -14.34 -31.64 2.07
C LEU A 113 -12.94 -31.21 2.50
N MET A 114 -12.51 -30.04 2.03
CA MET A 114 -11.22 -29.50 2.42
C MET A 114 -11.20 -29.14 3.90
N MET A 115 -12.25 -28.45 4.34
CA MET A 115 -12.39 -28.05 5.74
C MET A 115 -12.45 -29.27 6.66
N ASN A 116 -13.29 -30.23 6.30
CA ASN A 116 -13.41 -31.49 7.03
C ASN A 116 -12.06 -32.17 7.22
N ASN A 117 -11.26 -32.17 6.17
CA ASN A 117 -9.94 -32.80 6.19
C ASN A 117 -8.92 -32.03 7.04
N GLN A 118 -8.95 -30.71 6.98
CA GLN A 118 -8.03 -29.93 7.81
C GLN A 118 -8.42 -29.99 9.28
N MET A 119 -9.71 -29.92 9.56
CA MET A 119 -10.23 -30.05 10.91
C MET A 119 -9.88 -31.41 11.51
N ARG A 120 -9.90 -32.42 10.66
CA ARG A 120 -9.47 -33.77 11.02
C ARG A 120 -7.97 -33.76 11.30
N LEU A 121 -7.22 -33.12 10.41
CA LEU A 121 -5.77 -33.00 10.54
C LEU A 121 -5.40 -32.36 11.87
N LEU A 122 -5.84 -31.13 12.07
CA LEU A 122 -5.47 -30.34 13.25
C LEU A 122 -6.17 -30.81 14.51
N GLY A 123 -7.42 -31.23 14.37
CA GLY A 123 -8.21 -31.65 15.52
C GLY A 123 -9.29 -30.63 15.85
N MET A 124 -10.54 -31.07 15.82
CA MET A 124 -11.69 -30.21 16.06
C MET A 124 -11.52 -29.39 17.33
N GLU A 125 -11.03 -30.03 18.39
CA GLU A 125 -10.94 -29.39 19.70
C GLU A 125 -9.71 -28.52 19.91
N THR A 126 -8.84 -28.44 18.91
CA THR A 126 -7.60 -27.67 19.08
C THR A 126 -7.78 -26.21 18.67
N MET A 127 -6.94 -25.34 19.22
CA MET A 127 -6.98 -23.92 18.90
C MET A 127 -6.47 -23.66 17.48
N ALA A 128 -5.52 -24.47 17.03
CA ALA A 128 -5.04 -24.40 15.66
C ALA A 128 -6.19 -24.51 14.66
N TRP A 129 -7.23 -25.27 15.00
CA TRP A 129 -8.42 -25.33 14.14
C TRP A 129 -9.46 -24.27 14.50
N GLN A 130 -9.71 -24.07 15.79
CA GLN A 130 -10.70 -23.09 16.23
C GLN A 130 -10.35 -21.68 15.76
N GLU A 131 -9.06 -21.39 15.67
CA GLU A 131 -8.59 -20.03 15.41
C GLU A 131 -8.67 -19.65 13.93
N ILE A 132 -8.98 -20.61 13.06
CA ILE A 132 -9.04 -20.31 11.63
C ILE A 132 -10.31 -19.56 11.25
N ARG A 133 -10.15 -18.45 10.54
CA ARG A 133 -11.25 -17.76 9.92
C ARG A 133 -11.30 -18.13 8.44
N HIS A 134 -12.50 -18.26 7.88
CA HIS A 134 -12.68 -18.78 6.54
C HIS A 134 -13.37 -17.77 5.62
N ALA A 135 -12.77 -17.50 4.48
CA ALA A 135 -13.34 -16.58 3.50
C ALA A 135 -13.37 -17.26 2.16
N ILE A 136 -14.57 -17.41 1.60
CA ILE A 136 -14.72 -18.01 0.27
C ILE A 136 -15.11 -16.93 -0.73
N ILE A 137 -14.37 -16.86 -1.83
CA ILE A 137 -14.75 -15.94 -2.90
C ILE A 137 -14.97 -16.71 -4.19
N LEU A 138 -16.17 -16.67 -4.73
CA LEU A 138 -16.44 -17.28 -6.04
C LEU A 138 -16.36 -16.21 -7.11
N LEU A 139 -15.51 -16.43 -8.11
CA LEU A 139 -15.56 -15.63 -9.32
C LEU A 139 -16.40 -16.37 -10.35
N THR A 140 -17.61 -15.88 -10.58
CA THR A 140 -18.59 -16.60 -11.38
C THR A 140 -19.60 -15.63 -11.97
N ASP A 141 -20.31 -16.07 -13.00
CA ASP A 141 -21.42 -15.28 -13.56
C ASP A 141 -22.73 -15.66 -12.89
N GLY A 142 -22.68 -16.60 -11.95
CA GLY A 142 -23.83 -16.97 -11.13
C GLY A 142 -24.78 -18.01 -11.71
N LYS A 143 -24.52 -18.46 -12.93
CA LYS A 143 -25.49 -19.29 -13.66
C LYS A 143 -25.30 -20.79 -13.44
N SER A 144 -25.40 -21.21 -12.18
CA SER A 144 -25.38 -22.64 -11.82
C SER A 144 -26.50 -23.39 -12.53
N ASN A 145 -26.17 -24.53 -13.13
CA ASN A 145 -27.18 -25.31 -13.83
C ASN A 145 -27.14 -26.82 -13.58
N MET A 146 -26.26 -27.25 -12.68
CA MET A 146 -26.26 -28.64 -12.25
C MET A 146 -25.69 -28.86 -10.86
N GLY A 147 -25.98 -30.03 -10.30
CA GLY A 147 -25.48 -30.41 -8.99
C GLY A 147 -26.46 -30.15 -7.86
N GLY A 148 -27.48 -29.35 -8.15
CA GLY A 148 -28.42 -28.92 -7.11
C GLY A 148 -28.02 -27.60 -6.49
N SER A 149 -28.56 -27.32 -5.30
CA SER A 149 -28.53 -25.98 -4.73
C SER A 149 -27.21 -25.67 -4.01
N PRO A 150 -26.54 -24.62 -4.43
CA PRO A 150 -25.32 -24.15 -3.76
C PRO A 150 -25.59 -23.85 -2.29
N LYS A 151 -26.76 -23.30 -2.00
CA LYS A 151 -27.20 -23.02 -0.62
C LYS A 151 -27.08 -24.24 0.28
N THR A 152 -27.27 -25.43 -0.28
CA THR A 152 -27.18 -26.66 0.50
C THR A 152 -25.75 -26.93 0.95
N ALA A 153 -24.79 -26.67 0.07
CA ALA A 153 -23.37 -26.80 0.42
C ALA A 153 -22.93 -25.70 1.38
N VAL A 154 -23.51 -24.51 1.23
CA VAL A 154 -23.22 -23.41 2.14
C VAL A 154 -23.73 -23.70 3.54
N ASP A 155 -24.92 -24.31 3.62
CA ASP A 155 -25.45 -24.80 4.88
C ASP A 155 -24.52 -25.82 5.52
N HIS A 156 -23.92 -26.67 4.69
CA HIS A 156 -23.04 -27.73 5.17
C HIS A 156 -21.72 -27.16 5.70
N ILE A 157 -21.19 -26.15 5.00
CA ILE A 157 -19.99 -25.45 5.44
C ILE A 157 -20.25 -24.74 6.77
N ARG A 158 -21.36 -24.02 6.84
CA ARG A 158 -21.77 -23.34 8.07
C ARG A 158 -21.97 -24.29 9.25
N GLU A 159 -22.45 -25.51 8.96
CA GLU A 159 -22.56 -26.53 9.98
C GLU A 159 -21.19 -26.91 10.55
N ILE A 160 -20.27 -27.30 9.67
CA ILE A 160 -18.96 -27.77 10.10
C ILE A 160 -18.18 -26.69 10.85
N LEU A 161 -18.42 -25.43 10.49
CA LEU A 161 -17.66 -24.32 11.05
C LEU A 161 -18.29 -23.74 12.31
N ASN A 162 -19.52 -24.17 12.61
CA ASN A 162 -20.23 -23.72 13.81
C ASN A 162 -20.65 -22.25 13.76
N ILE A 163 -21.18 -21.82 12.62
CA ILE A 163 -21.52 -20.41 12.44
C ILE A 163 -22.88 -20.05 13.04
N ASN A 164 -22.89 -19.01 13.87
CA ASN A 164 -24.12 -18.34 14.27
C ASN A 164 -23.87 -16.84 14.42
N GLN A 165 -24.43 -16.23 15.46
CA GLN A 165 -24.17 -14.82 15.71
C GLN A 165 -22.79 -14.58 16.35
N LYS A 166 -22.49 -15.38 17.37
CA LYS A 166 -21.19 -15.28 18.06
C LYS A 166 -20.03 -15.59 17.12
N ARG A 167 -20.07 -16.75 16.49
CA ARG A 167 -19.02 -17.16 15.55
C ARG A 167 -19.29 -16.67 14.14
N ASN A 168 -20.11 -15.62 14.03
CA ASN A 168 -20.39 -14.97 12.75
C ASN A 168 -19.14 -14.64 11.94
N ASP A 169 -18.07 -14.25 12.63
CA ASP A 169 -16.88 -13.70 11.98
C ASP A 169 -15.95 -14.75 11.38
N TYR A 170 -16.29 -16.02 11.52
CA TYR A 170 -15.41 -17.10 11.08
C TYR A 170 -15.70 -17.60 9.67
N LEU A 171 -16.74 -17.05 9.04
CA LEU A 171 -17.03 -17.36 7.64
C LEU A 171 -17.56 -16.15 6.88
N ASP A 172 -16.90 -15.83 5.77
CA ASP A 172 -17.44 -14.91 4.77
C ASP A 172 -17.54 -15.64 3.44
N ILE A 173 -18.69 -15.49 2.77
CA ILE A 173 -18.82 -15.95 1.41
C ILE A 173 -19.14 -14.78 0.50
N TYR A 174 -18.30 -14.57 -0.51
CA TYR A 174 -18.53 -13.55 -1.51
C TYR A 174 -18.74 -14.19 -2.87
N ALA A 175 -19.62 -13.60 -3.67
CA ALA A 175 -19.79 -14.00 -5.06
C ALA A 175 -19.65 -12.81 -5.98
N ILE A 176 -18.62 -12.82 -6.82
CA ILE A 176 -18.32 -11.66 -7.66
C ILE A 176 -18.31 -12.02 -9.15
N GLY A 177 -19.05 -11.25 -9.94
CA GLY A 177 -18.95 -11.32 -11.38
C GLY A 177 -18.14 -10.17 -11.91
N VAL A 178 -16.91 -10.46 -12.34
CA VAL A 178 -16.02 -9.45 -12.89
C VAL A 178 -15.86 -9.66 -14.39
N GLY A 179 -16.00 -8.58 -15.16
CA GLY A 179 -15.70 -8.60 -16.59
C GLY A 179 -16.93 -8.40 -17.45
N LYS A 180 -16.77 -8.71 -18.73
CA LYS A 180 -17.85 -8.63 -19.71
C LYS A 180 -18.71 -9.89 -19.63
N LEU A 181 -19.37 -10.08 -18.50
CA LEU A 181 -20.17 -11.27 -18.27
C LEU A 181 -21.64 -10.96 -18.41
N ASP A 182 -22.41 -11.96 -18.81
CA ASP A 182 -23.83 -11.98 -18.58
C ASP A 182 -24.04 -12.59 -17.21
N VAL A 183 -24.33 -11.75 -16.22
CA VAL A 183 -24.40 -12.20 -14.83
C VAL A 183 -25.83 -12.49 -14.38
N ASP A 184 -26.00 -13.57 -13.62
CA ASP A 184 -27.27 -13.85 -12.96
C ASP A 184 -27.21 -13.26 -11.55
N TRP A 185 -27.86 -12.12 -11.37
CA TRP A 185 -27.76 -11.34 -10.13
C TRP A 185 -28.41 -12.06 -8.96
N ARG A 186 -29.62 -12.58 -9.18
CA ARG A 186 -30.36 -13.33 -8.19
C ARG A 186 -29.52 -14.47 -7.62
N GLU A 187 -28.79 -15.16 -8.49
CA GLU A 187 -28.00 -16.31 -8.06
C GLU A 187 -26.75 -15.86 -7.31
N LEU A 188 -26.14 -14.77 -7.77
CA LEU A 188 -24.99 -14.18 -7.07
C LEU A 188 -25.35 -13.87 -5.63
N ASN A 189 -26.57 -13.36 -5.43
CA ASN A 189 -27.02 -12.99 -4.09
C ASN A 189 -27.34 -14.17 -3.20
N GLU A 190 -27.79 -15.28 -3.78
CA GLU A 190 -27.95 -16.51 -3.01
C GLU A 190 -26.60 -16.99 -2.49
N LEU A 191 -25.59 -17.01 -3.35
CA LEU A 191 -24.25 -17.43 -2.96
C LEU A 191 -23.69 -16.53 -1.86
N GLY A 192 -23.48 -15.26 -2.20
CA GLY A 192 -22.97 -14.28 -1.25
C GLY A 192 -24.10 -13.45 -0.66
N SER A 193 -24.87 -14.05 0.23
CA SER A 193 -25.93 -13.34 0.95
C SER A 193 -25.32 -12.25 1.83
N LYS A 194 -26.14 -11.28 2.23
CA LYS A 194 -25.68 -10.22 3.11
C LYS A 194 -25.38 -10.75 4.51
N LYS A 195 -24.25 -10.34 5.06
CA LYS A 195 -24.04 -10.41 6.52
C LYS A 195 -24.40 -9.05 7.09
N ASP A 196 -25.50 -9.00 7.84
CA ASP A 196 -25.99 -7.75 8.43
C ASP A 196 -26.40 -6.77 7.34
N GLY A 197 -25.54 -5.80 7.07
CA GLY A 197 -25.77 -4.83 6.00
C GLY A 197 -24.73 -4.92 4.89
N GLU A 198 -23.61 -5.56 5.20
CA GLU A 198 -22.47 -5.63 4.28
C GLU A 198 -22.75 -6.49 3.06
N ARG A 199 -22.68 -5.87 1.88
CA ARG A 199 -22.86 -6.57 0.61
C ARG A 199 -21.82 -7.66 0.43
N HIS A 200 -22.26 -8.83 -0.03
CA HIS A 200 -21.34 -9.93 -0.31
C HIS A 200 -21.44 -10.42 -1.75
N ALA A 201 -22.24 -9.73 -2.55
CA ALA A 201 -22.34 -10.04 -3.97
C ALA A 201 -22.12 -8.79 -4.82
N PHE A 202 -21.28 -8.91 -5.84
CA PHE A 202 -20.94 -7.77 -6.69
C PHE A 202 -20.91 -8.13 -8.16
N ILE A 203 -21.30 -7.16 -8.99
CA ILE A 203 -21.07 -7.19 -10.43
C ILE A 203 -20.15 -6.03 -10.79
N LEU A 204 -18.98 -6.33 -11.34
CA LEU A 204 -17.96 -5.31 -11.60
C LEU A 204 -17.41 -5.42 -13.01
N GLN A 205 -17.14 -4.28 -13.64
CA GLN A 205 -16.74 -4.26 -15.04
C GLN A 205 -15.36 -4.84 -15.32
N ASP A 206 -14.43 -4.68 -14.38
CA ASP A 206 -13.04 -5.04 -14.62
C ASP A 206 -12.25 -5.21 -13.32
N THR A 207 -10.97 -5.56 -13.46
CA THR A 207 -10.11 -5.83 -12.32
C THR A 207 -9.79 -4.56 -11.52
N LYS A 208 -9.88 -3.40 -12.17
CA LYS A 208 -9.72 -2.13 -11.46
C LYS A 208 -10.86 -1.93 -10.45
N ALA A 209 -12.08 -2.23 -10.87
CA ALA A 209 -13.24 -2.12 -9.99
C ALA A 209 -13.14 -3.14 -8.85
N LEU A 210 -12.69 -4.35 -9.18
CA LEU A 210 -12.52 -5.40 -8.18
C LEU A 210 -11.54 -4.97 -7.10
N HIS A 211 -10.42 -4.38 -7.51
CA HIS A 211 -9.38 -3.92 -6.61
C HIS A 211 -9.93 -2.89 -5.61
N GLN A 212 -10.76 -1.96 -6.08
CA GLN A 212 -11.46 -1.01 -5.22
C GLN A 212 -12.37 -1.74 -4.24
N VAL A 213 -13.18 -2.65 -4.78
CA VAL A 213 -14.18 -3.37 -3.99
C VAL A 213 -13.54 -4.27 -2.94
N PHE A 214 -12.44 -4.92 -3.29
CA PHE A 214 -11.73 -5.80 -2.37
C PHE A 214 -11.20 -5.06 -1.14
N GLU A 215 -10.78 -3.80 -1.33
CA GLU A 215 -10.35 -2.94 -0.22
C GLU A 215 -11.47 -2.77 0.80
N HIS A 216 -12.70 -2.69 0.30
CA HIS A 216 -13.86 -2.56 1.17
C HIS A 216 -14.33 -3.88 1.77
N MET A 217 -13.78 -5.00 1.28
CA MET A 217 -14.08 -6.30 1.84
C MET A 217 -13.16 -6.63 3.01
N LEU A 218 -12.13 -5.81 3.20
CA LEU A 218 -11.12 -6.10 4.21
C LEU A 218 -11.25 -5.18 5.41
N ASP A 219 -11.42 -5.78 6.58
CA ASP A 219 -11.42 -5.04 7.85
C ASP A 219 -10.02 -5.06 8.45
N VAL A 220 -9.38 -3.90 8.50
CA VAL A 220 -8.03 -3.81 9.03
C VAL A 220 -7.95 -3.06 10.36
N SER A 221 -9.10 -2.74 10.94
CA SER A 221 -9.13 -1.94 12.18
C SER A 221 -8.40 -2.58 13.35
N LYS A 222 -8.33 -3.90 13.37
CA LYS A 222 -7.66 -4.62 14.46
C LYS A 222 -6.16 -4.74 14.24
N LEU A 223 -5.68 -4.33 13.07
CA LEU A 223 -4.25 -4.38 12.77
C LEU A 223 -3.55 -3.17 13.37
N THR A 224 -3.06 -3.32 14.60
CA THR A 224 -2.59 -2.16 15.38
C THR A 224 -1.12 -2.22 15.78
N ASP A 225 -0.35 -3.08 15.13
CA ASP A 225 1.09 -3.09 15.35
C ASP A 225 1.74 -2.07 14.41
N THR A 226 3.06 -2.00 14.42
CA THR A 226 3.75 -0.92 13.72
C THR A 226 4.13 -1.27 12.28
N ILE A 227 3.41 -2.20 11.67
CA ILE A 227 3.68 -2.59 10.29
C ILE A 227 3.70 -1.37 9.36
N CYS A 228 4.75 -1.26 8.57
CA CYS A 228 5.04 -0.05 7.82
C CYS A 228 4.42 -0.10 6.42
N GLY A 229 4.07 1.08 5.90
CA GLY A 229 3.68 1.22 4.50
C GLY A 229 2.42 0.47 4.12
N VAL A 230 1.48 0.38 5.05
CA VAL A 230 0.17 -0.18 4.73
C VAL A 230 -0.80 0.97 4.55
N GLY A 231 -1.51 0.97 3.41
CA GLY A 231 -2.47 2.02 3.12
C GLY A 231 -3.82 1.47 2.69
N ASN A 232 -4.73 2.38 2.39
CA ASN A 232 -6.04 2.03 1.85
C ASN A 232 -6.08 2.56 0.44
N MET A 233 -6.43 1.70 -0.51
CA MET A 233 -6.37 2.09 -1.90
C MET A 233 -7.74 2.22 -2.55
N SER A 234 -8.76 2.36 -1.69
CA SER A 234 -10.09 2.75 -2.16
C SER A 234 -10.17 4.27 -2.33
N ALA A 235 -10.92 4.69 -3.34
CA ALA A 235 -11.21 6.10 -3.55
C ALA A 235 -12.15 6.61 -2.45
N ASN A 236 -13.00 5.71 -1.96
CA ASN A 236 -13.98 6.03 -0.92
C ASN A 236 -13.42 6.14 0.49
N ALA A 237 -12.18 5.70 0.68
CA ALA A 237 -11.46 5.93 1.93
C ALA A 237 -11.09 7.41 2.06
N SER A 238 -10.88 7.87 3.28
CA SER A 238 -10.41 9.23 3.50
C SER A 238 -8.96 9.38 3.04
N ASP A 239 -8.52 10.62 2.84
CA ASP A 239 -7.14 10.91 2.46
C ASP A 239 -6.17 10.34 3.47
N GLN A 240 -6.48 10.48 4.76
CA GLN A 240 -5.57 10.03 5.80
C GLN A 240 -5.42 8.51 5.80
N GLU A 241 -6.53 7.81 5.58
CA GLU A 241 -6.50 6.35 5.47
C GLU A 241 -5.66 5.86 4.30
N ARG A 242 -5.62 6.66 3.24
CA ARG A 242 -4.86 6.33 2.04
C ARG A 242 -3.36 6.54 2.25
N THR A 243 -3.02 7.57 3.01
CA THR A 243 -1.62 7.86 3.34
C THR A 243 -1.46 8.09 4.85
N PRO A 244 -1.48 7.02 5.64
CA PRO A 244 -1.57 7.16 7.10
C PRO A 244 -0.27 7.58 7.79
N TRP A 245 0.83 7.61 7.05
CA TRP A 245 2.11 8.06 7.58
C TRP A 245 2.15 9.58 7.61
N HIS A 246 1.20 10.20 6.91
CA HIS A 246 1.30 11.62 6.60
C HIS A 246 0.99 12.45 7.83
N VAL A 247 1.83 13.43 8.12
CA VAL A 247 1.60 14.32 9.25
C VAL A 247 1.76 15.79 8.87
N THR A 248 1.15 16.66 9.66
CA THR A 248 1.28 18.10 9.52
C THR A 248 2.25 18.62 10.58
N ILE A 249 3.16 19.50 10.18
CA ILE A 249 4.11 20.10 11.11
C ILE A 249 3.86 21.59 11.30
N LYS A 250 3.86 22.01 12.56
CA LYS A 250 3.67 23.41 12.91
C LYS A 250 4.87 23.91 13.68
N PRO A 251 5.76 24.63 13.01
CA PRO A 251 6.86 25.31 13.65
C PRO A 251 6.34 26.52 14.43
N LYS A 252 7.25 27.27 15.05
CA LYS A 252 6.87 28.54 15.67
C LYS A 252 6.37 29.54 14.63
N SER A 253 6.92 29.44 13.42
CA SER A 253 6.73 30.45 12.38
C SER A 253 5.30 30.57 11.85
N GLN A 254 4.41 29.68 12.27
CA GLN A 254 3.00 29.71 11.88
C GLN A 254 2.77 29.20 10.46
N GLU A 255 3.84 29.16 9.66
CA GLU A 255 3.82 28.46 8.38
C GLU A 255 3.76 26.96 8.65
N THR A 256 3.22 26.20 7.72
CA THR A 256 3.11 24.75 7.90
C THR A 256 4.09 23.99 7.03
N CYS A 257 4.46 22.81 7.51
CA CYS A 257 5.14 21.82 6.70
C CYS A 257 4.42 20.48 6.85
N ARG A 258 4.84 19.50 6.07
CA ARG A 258 4.37 18.13 6.19
C ARG A 258 5.53 17.26 6.63
N GLY A 259 5.23 16.03 7.02
CA GLY A 259 6.25 15.07 7.41
C GLY A 259 5.71 13.66 7.31
N ALA A 260 6.52 12.68 7.70
CA ALA A 260 6.13 11.27 7.62
C ALA A 260 6.49 10.53 8.89
N LEU A 261 5.53 9.78 9.43
CA LEU A 261 5.81 8.81 10.49
C LEU A 261 6.65 7.70 9.92
N ILE A 262 7.81 7.46 10.52
CA ILE A 262 8.72 6.40 10.08
C ILE A 262 8.90 5.31 11.16
N SER A 263 8.28 5.55 12.31
CA SER A 263 8.10 4.55 13.36
C SER A 263 6.94 5.05 14.22
N ASP A 264 6.68 4.43 15.36
CA ASP A 264 5.58 4.89 16.21
C ASP A 264 5.88 6.13 17.05
N GLN A 265 7.08 6.69 16.93
CA GLN A 265 7.45 7.85 17.73
C GLN A 265 8.30 8.90 16.99
N TRP A 266 8.77 8.56 15.81
CA TRP A 266 9.68 9.40 15.05
C TRP A 266 9.07 9.88 13.73
N VAL A 267 9.29 11.15 13.43
CA VAL A 267 8.79 11.78 12.21
C VAL A 267 9.94 12.32 11.37
N LEU A 268 9.83 12.11 10.07
CA LEU A 268 10.88 12.53 9.15
C LEU A 268 10.37 13.72 8.35
N THR A 269 11.18 14.77 8.24
CA THR A 269 10.72 15.99 7.59
C THR A 269 11.89 16.80 7.05
N ALA A 270 11.62 18.01 6.57
CA ALA A 270 12.67 18.86 5.99
C ALA A 270 13.26 19.80 7.02
N ALA A 271 14.58 19.98 6.99
CA ALA A 271 15.24 20.90 7.91
C ALA A 271 14.80 22.35 7.71
N HIS A 272 14.52 22.74 6.47
CA HIS A 272 14.23 24.16 6.18
C HIS A 272 12.90 24.63 6.76
N CYS A 273 12.13 23.69 7.30
CA CYS A 273 10.82 23.99 7.90
C CYS A 273 10.95 24.78 9.20
N PHE A 274 12.13 24.72 9.79
CA PHE A 274 12.37 25.30 11.11
C PHE A 274 13.35 26.46 11.01
N ARG A 275 12.86 27.59 10.52
CA ARG A 275 13.70 28.76 10.31
C ARG A 275 13.98 29.51 11.61
N ASP A 276 12.98 29.58 12.47
CA ASP A 276 13.10 30.25 13.77
C ASP A 276 14.29 29.70 14.57
N GLY A 277 14.75 28.51 14.19
CA GLY A 277 15.88 27.89 14.86
C GLY A 277 15.59 26.53 15.45
N ASN A 278 16.06 26.30 16.67
CA ASN A 278 16.09 24.96 17.24
C ASN A 278 15.29 24.79 18.53
N ASP A 279 14.34 25.69 18.77
CA ASP A 279 13.50 25.57 19.95
C ASP A 279 12.25 24.72 19.69
N HIS A 280 12.43 23.40 19.81
CA HIS A 280 11.44 22.41 19.41
C HIS A 280 10.18 22.38 20.28
N SER A 281 10.27 22.95 21.48
CA SER A 281 9.15 22.90 22.43
C SER A 281 8.01 23.84 22.03
N LEU A 282 8.23 24.63 20.99
CA LEU A 282 7.16 25.44 20.43
C LEU A 282 6.53 24.79 19.21
N TRP A 283 7.11 23.68 18.74
CA TRP A 283 6.60 22.99 17.57
C TRP A 283 5.52 21.97 17.95
N ARG A 284 4.62 21.70 17.00
CA ARG A 284 3.57 20.71 17.17
C ARG A 284 3.46 19.87 15.90
N VAL A 285 3.11 18.60 16.07
CA VAL A 285 2.85 17.70 14.95
C VAL A 285 1.42 17.15 15.05
N ASN A 286 0.70 17.16 13.93
CA ASN A 286 -0.62 16.54 13.85
C ASN A 286 -0.51 15.21 13.11
N VAL A 287 -0.69 14.10 13.83
CA VAL A 287 -0.70 12.79 13.19
C VAL A 287 -2.15 12.39 12.94
N GLY A 288 -2.36 11.45 12.02
CA GLY A 288 -3.70 10.96 11.73
C GLY A 288 -4.37 10.40 12.97
N ASP A 289 -5.69 10.43 12.98
CA ASP A 289 -6.47 9.91 14.10
C ASP A 289 -7.85 9.51 13.61
N PRO A 290 -8.30 8.31 13.99
CA PRO A 290 -9.59 7.80 13.54
C PRO A 290 -10.76 8.62 14.06
N LYS A 291 -10.63 9.15 15.27
CA LYS A 291 -11.72 9.83 15.96
C LYS A 291 -12.01 11.22 15.40
N SER A 292 -11.06 11.78 14.67
CA SER A 292 -11.28 13.11 14.07
C SER A 292 -10.36 13.37 12.88
N GLN A 293 -10.89 14.10 11.90
CA GLN A 293 -10.16 14.47 10.70
C GLN A 293 -9.16 15.58 10.98
N TRP A 294 -9.29 16.19 12.16
CA TRP A 294 -8.31 17.16 12.64
C TRP A 294 -6.97 16.48 12.94
N GLY A 295 -7.02 15.16 13.10
CA GLY A 295 -5.85 14.41 13.54
C GLY A 295 -5.64 14.65 15.02
N LYS A 296 -4.50 14.19 15.53
CA LYS A 296 -4.18 14.34 16.94
C LYS A 296 -2.85 15.09 17.08
N GLU A 297 -2.83 16.10 17.93
CA GLU A 297 -1.65 16.93 18.16
C GLU A 297 -0.67 16.25 19.11
N PHE A 298 0.59 16.20 18.71
CA PHE A 298 1.68 15.71 19.54
C PHE A 298 2.68 16.84 19.77
N LEU A 299 3.29 16.86 20.95
CA LEU A 299 4.46 17.70 21.18
C LEU A 299 5.72 16.94 20.76
N ILE A 300 6.87 17.61 20.82
CA ILE A 300 8.13 17.01 20.40
C ILE A 300 9.06 16.82 21.60
N GLU A 301 9.59 15.62 21.74
CA GLU A 301 10.54 15.34 22.82
C GLU A 301 11.91 15.87 22.43
N LYS A 302 12.31 15.62 21.19
CA LYS A 302 13.57 16.13 20.66
C LYS A 302 13.58 16.24 19.15
N ALA A 303 14.42 17.14 18.64
CA ALA A 303 14.56 17.38 17.22
C ALA A 303 16.02 17.19 16.84
N VAL A 304 16.26 16.58 15.69
CA VAL A 304 17.62 16.42 15.18
C VAL A 304 17.64 16.98 13.76
N ILE A 305 18.24 18.15 13.59
CA ILE A 305 18.37 18.75 12.28
C ILE A 305 19.74 18.38 11.76
N SER A 306 19.79 17.87 10.53
CA SER A 306 21.06 17.45 9.93
C SER A 306 22.11 18.55 10.09
N PRO A 307 23.30 18.19 10.59
CA PRO A 307 24.32 19.17 10.92
C PRO A 307 24.89 19.85 9.68
N GLY A 308 24.58 19.30 8.50
CA GLY A 308 25.07 19.87 7.25
C GLY A 308 24.13 20.91 6.66
N PHE A 309 22.96 21.08 7.27
CA PHE A 309 21.99 22.04 6.75
C PHE A 309 22.30 23.48 7.13
N ASP A 310 22.29 24.36 6.13
CA ASP A 310 22.48 25.80 6.33
C ASP A 310 22.13 26.52 5.04
N VAL A 311 20.94 27.13 4.99
CA VAL A 311 20.41 27.68 3.75
C VAL A 311 21.25 28.78 3.10
N PHE A 312 22.23 29.31 3.84
CA PHE A 312 23.07 30.38 3.34
C PHE A 312 24.55 29.99 3.25
N ALA A 313 24.79 28.68 3.28
CA ALA A 313 26.15 28.13 3.24
C ALA A 313 26.96 28.57 2.01
N LYS A 314 26.30 28.74 0.88
CA LYS A 314 26.99 29.05 -0.38
C LYS A 314 26.77 30.50 -0.82
N LYS A 315 26.34 31.33 0.13
CA LYS A 315 25.91 32.69 -0.16
C LYS A 315 27.07 33.62 -0.52
N ASN A 316 28.29 33.22 -0.20
CA ASN A 316 29.48 33.96 -0.62
C ASN A 316 29.76 33.73 -2.10
N GLN A 317 29.14 32.69 -2.66
CA GLN A 317 29.21 32.40 -4.08
C GLN A 317 27.98 32.91 -4.81
N GLY A 318 27.28 33.87 -4.20
CA GLY A 318 26.09 34.46 -4.80
C GLY A 318 24.88 33.55 -4.87
N ILE A 319 24.95 32.43 -4.17
CA ILE A 319 23.81 31.51 -4.06
C ILE A 319 23.04 31.78 -2.76
N LEU A 320 21.80 32.21 -2.89
CA LEU A 320 21.06 32.79 -1.77
C LEU A 320 20.23 31.79 -0.97
N GLU A 321 19.98 30.62 -1.58
CA GLU A 321 19.37 29.50 -0.88
C GLU A 321 20.07 28.22 -1.31
N PHE A 322 20.62 27.48 -0.35
CA PHE A 322 21.20 26.18 -0.62
C PHE A 322 20.57 25.12 0.28
N TYR A 323 20.08 24.04 -0.34
CA TYR A 323 19.28 23.06 0.39
C TYR A 323 19.95 21.70 0.60
N GLY A 324 21.28 21.63 0.48
CA GLY A 324 22.01 20.45 0.88
C GLY A 324 21.66 20.04 2.30
N ASP A 325 21.50 18.74 2.53
CA ASP A 325 21.26 18.20 3.88
C ASP A 325 19.95 18.67 4.49
N ASP A 326 18.97 18.94 3.63
CA ASP A 326 17.68 19.46 4.09
C ASP A 326 16.79 18.36 4.67
N ILE A 327 17.09 17.97 5.92
CA ILE A 327 16.41 16.83 6.53
C ILE A 327 16.43 16.95 8.05
N ALA A 328 15.36 16.50 8.70
CA ALA A 328 15.24 16.57 10.14
C ALA A 328 14.47 15.38 10.71
N LEU A 329 14.84 15.00 11.93
CA LEU A 329 14.11 13.96 12.64
C LEU A 329 13.47 14.54 13.90
N LEU A 330 12.19 14.26 14.10
CA LEU A 330 11.50 14.63 15.34
C LEU A 330 11.02 13.40 16.10
N LYS A 331 11.44 13.30 17.35
CA LYS A 331 10.87 12.32 18.26
C LYS A 331 9.69 12.96 18.99
N LEU A 332 8.51 12.36 18.83
CA LEU A 332 7.30 12.84 19.49
C LEU A 332 7.35 12.51 20.98
N ALA A 333 6.73 13.37 21.79
CA ALA A 333 6.71 13.21 23.23
C ALA A 333 6.06 11.91 23.70
N GLN A 334 5.12 11.40 22.90
CA GLN A 334 4.47 10.11 23.21
C GLN A 334 4.53 9.20 21.98
N LYS A 335 4.41 7.90 22.21
CA LYS A 335 4.21 6.97 21.10
C LYS A 335 2.84 7.20 20.45
N VAL A 336 2.79 7.12 19.14
CA VAL A 336 1.52 7.15 18.41
C VAL A 336 0.83 5.79 18.48
N LYS A 337 -0.49 5.80 18.59
CA LYS A 337 -1.27 4.56 18.55
C LYS A 337 -1.57 4.20 17.10
N MET A 338 -0.98 3.10 16.63
CA MET A 338 -1.15 2.66 15.24
C MET A 338 -2.59 2.29 14.94
N SER A 339 -3.07 2.69 13.77
CA SER A 339 -4.48 2.55 13.41
C SER A 339 -4.63 2.78 11.91
N THR A 340 -5.86 2.82 11.43
CA THR A 340 -6.12 3.03 10.01
C THR A 340 -5.70 4.42 9.54
N HIS A 341 -5.53 5.34 10.49
CA HIS A 341 -5.24 6.73 10.17
C HIS A 341 -3.81 7.08 10.56
N ALA A 342 -3.10 6.14 11.18
CA ALA A 342 -1.74 6.39 11.67
C ALA A 342 -0.86 5.14 11.61
N ARG A 343 0.01 5.09 10.60
CA ARG A 343 0.99 4.01 10.45
C ARG A 343 2.28 4.63 9.94
N PRO A 344 3.42 4.01 10.26
CA PRO A 344 4.68 4.44 9.66
C PRO A 344 4.78 4.02 8.19
N ILE A 345 5.38 4.87 7.36
CA ILE A 345 5.73 4.46 6.01
C ILE A 345 7.00 3.60 6.06
N CYS A 346 7.24 2.82 5.02
CA CYS A 346 8.44 1.97 4.99
C CYS A 346 9.64 2.80 4.57
N LEU A 347 10.74 2.60 5.27
CA LEU A 347 11.99 3.25 4.92
C LEU A 347 12.88 2.21 4.25
N PRO A 348 13.32 2.48 3.03
CA PRO A 348 14.20 1.56 2.32
C PRO A 348 15.45 1.28 3.13
N CYS A 349 16.04 0.10 2.93
CA CYS A 349 17.32 -0.26 3.54
C CYS A 349 17.14 -0.72 4.98
N THR A 350 15.91 -1.03 5.34
CA THR A 350 15.60 -1.70 6.61
C THR A 350 15.04 -3.10 6.39
N MET A 351 15.14 -3.96 7.41
CA MET A 351 14.49 -5.25 7.38
C MET A 351 12.97 -5.13 7.24
N GLU A 352 12.40 -4.12 7.90
CA GLU A 352 10.98 -3.80 7.74
C GLU A 352 10.60 -3.67 6.27
N ALA A 353 11.35 -2.85 5.53
CA ALA A 353 11.10 -2.62 4.10
C ALA A 353 11.44 -3.83 3.24
N ASN A 354 12.39 -4.63 3.71
CA ASN A 354 12.79 -5.83 2.98
C ASN A 354 11.69 -6.89 2.99
N LEU A 355 11.03 -7.02 4.14
CA LEU A 355 9.87 -7.90 4.27
C LEU A 355 8.70 -7.39 3.44
N ALA A 356 8.45 -6.08 3.52
CA ALA A 356 7.39 -5.43 2.75
C ALA A 356 7.54 -5.73 1.26
N LEU A 357 8.79 -5.80 0.80
CA LEU A 357 9.13 -6.11 -0.58
C LEU A 357 9.22 -7.59 -0.85
N ARG A 358 9.14 -8.40 0.19
CA ARG A 358 9.25 -9.85 0.08
C ARG A 358 10.58 -10.28 -0.55
N ARG A 359 11.66 -9.62 -0.12
CA ARG A 359 13.00 -9.90 -0.65
C ARG A 359 13.72 -10.97 0.15
N PRO A 360 14.76 -11.55 -0.44
CA PRO A 360 15.66 -12.47 0.26
C PRO A 360 16.32 -11.86 1.49
N GLN A 361 16.69 -12.71 2.46
CA GLN A 361 17.26 -12.27 3.73
C GLN A 361 18.43 -11.29 3.58
N GLY A 362 19.51 -11.76 2.96
CA GLY A 362 20.74 -10.98 2.87
C GLY A 362 20.76 -9.88 1.82
N SER A 363 19.66 -9.14 1.69
CA SER A 363 19.63 -7.98 0.82
C SER A 363 20.41 -6.83 1.44
N THR A 364 20.72 -5.82 0.64
CA THR A 364 21.46 -4.66 1.12
C THR A 364 20.75 -3.39 0.69
N CYS A 365 21.26 -2.26 1.16
CA CYS A 365 20.71 -0.97 0.78
C CYS A 365 20.81 -0.71 -0.71
N ARG A 366 21.96 -1.04 -1.29
CA ARG A 366 22.14 -1.00 -2.74
C ARG A 366 21.05 -1.77 -3.48
N ASP A 367 20.76 -2.98 -3.01
CA ASP A 367 19.67 -3.79 -3.54
C ASP A 367 18.32 -3.07 -3.52
N HIS A 368 18.00 -2.47 -2.39
CA HIS A 368 16.73 -1.76 -2.25
C HIS A 368 16.64 -0.56 -3.18
N GLU A 369 17.71 0.24 -3.24
CA GLU A 369 17.79 1.33 -4.19
C GLU A 369 17.55 0.83 -5.61
N ASN A 370 18.17 -0.30 -5.94
CA ASN A 370 18.09 -0.82 -7.30
C ASN A 370 16.69 -1.30 -7.65
N GLU A 371 16.02 -1.93 -6.69
CA GLU A 371 14.66 -2.40 -6.87
C GLU A 371 13.66 -1.25 -6.95
N LEU A 372 13.76 -0.30 -6.03
CA LEU A 372 12.78 0.79 -5.94
C LEU A 372 12.97 1.83 -7.04
N LEU A 373 14.20 2.31 -7.23
CA LEU A 373 14.48 3.28 -8.28
C LEU A 373 15.03 2.57 -9.51
N ASN A 374 14.17 1.79 -10.16
CA ASN A 374 14.61 0.75 -11.10
C ASN A 374 14.70 1.21 -12.55
N LYS A 375 14.18 2.40 -12.82
CA LYS A 375 14.10 2.91 -14.19
C LYS A 375 14.67 4.32 -14.28
N GLN A 376 14.86 4.81 -15.50
CA GLN A 376 15.30 6.18 -15.73
C GLN A 376 14.18 7.18 -15.48
N SER A 377 12.94 6.70 -15.56
CA SER A 377 11.78 7.49 -15.14
C SER A 377 10.92 6.67 -14.21
N VAL A 378 10.84 7.07 -12.94
CA VAL A 378 10.13 6.29 -11.91
C VAL A 378 8.92 7.05 -11.37
N PRO A 379 7.72 6.56 -11.67
CA PRO A 379 6.48 7.13 -11.18
C PRO A 379 6.39 7.14 -9.65
N ALA A 380 6.06 8.29 -9.08
CA ALA A 380 6.03 8.43 -7.63
C ALA A 380 4.97 9.44 -7.21
N HIS A 381 4.91 9.73 -5.92
CA HIS A 381 3.87 10.61 -5.38
C HIS A 381 4.35 11.52 -4.26
N PHE A 382 3.59 12.58 -4.02
CA PHE A 382 3.64 13.33 -2.78
C PHE A 382 2.21 13.74 -2.45
N VAL A 383 1.96 14.11 -1.20
CA VAL A 383 0.61 14.46 -0.77
C VAL A 383 0.42 15.98 -0.71
N ALA A 384 -0.67 16.45 -1.31
CA ALA A 384 -1.01 17.85 -1.38
C ALA A 384 -1.44 18.43 -0.03
N LEU A 385 -1.59 19.75 0.02
CA LEU A 385 -2.06 20.44 1.21
C LEU A 385 -3.43 19.95 1.65
N ASN A 386 -4.33 19.71 0.69
CA ASN A 386 -5.66 19.20 1.00
C ASN A 386 -5.71 17.70 1.30
N GLY A 387 -4.56 17.04 1.23
CA GLY A 387 -4.46 15.64 1.59
C GLY A 387 -4.50 14.68 0.42
N SER A 388 -4.78 15.19 -0.76
CA SER A 388 -4.88 14.34 -1.95
C SER A 388 -3.51 13.92 -2.48
N LYS A 389 -3.49 12.78 -3.17
CA LYS A 389 -2.24 12.14 -3.59
C LYS A 389 -1.90 12.56 -5.01
N LEU A 390 -0.70 13.11 -5.20
CA LEU A 390 -0.33 13.72 -6.48
C LEU A 390 0.82 12.96 -7.15
N ASN A 391 0.94 13.15 -8.46
CA ASN A 391 1.77 12.27 -9.28
C ASN A 391 3.01 12.96 -9.82
N ILE A 392 4.14 12.27 -9.72
CA ILE A 392 5.38 12.78 -10.31
C ILE A 392 6.16 11.64 -10.96
N ASN A 393 7.18 11.98 -11.73
CA ASN A 393 8.07 11.00 -12.32
C ASN A 393 9.50 11.36 -11.98
N LEU A 394 10.14 10.55 -11.14
CA LEU A 394 11.52 10.81 -10.76
C LEU A 394 12.47 10.47 -11.90
N LYS A 395 13.35 11.40 -12.22
CA LYS A 395 14.22 11.27 -13.39
C LYS A 395 15.61 10.82 -12.98
N MET A 396 16.03 9.67 -13.49
CA MET A 396 17.20 8.97 -12.95
C MET A 396 18.32 8.86 -13.98
N GLY A 397 19.51 8.51 -13.49
CA GLY A 397 20.68 8.28 -14.33
C GLY A 397 20.99 9.43 -15.28
N VAL A 398 21.04 9.13 -16.57
CA VAL A 398 21.31 10.12 -17.59
C VAL A 398 20.23 11.20 -17.69
N GLU A 399 19.00 10.85 -17.30
CA GLU A 399 17.88 11.79 -17.39
C GLU A 399 17.80 12.76 -16.22
N TRP A 400 18.46 12.42 -15.12
CA TRP A 400 18.57 13.29 -13.95
C TRP A 400 19.31 14.58 -14.31
N THR A 401 20.38 14.45 -15.09
CA THR A 401 21.19 15.59 -15.50
C THR A 401 20.41 16.63 -16.30
N SER A 402 19.68 16.17 -17.33
CA SER A 402 18.89 17.07 -18.16
C SER A 402 17.65 17.60 -17.43
N CYS A 403 17.22 16.87 -16.40
CA CYS A 403 16.11 17.30 -15.56
C CYS A 403 16.52 18.48 -14.68
N ALA A 404 17.72 18.39 -14.10
CA ALA A 404 18.19 19.38 -13.15
C ALA A 404 18.84 20.59 -13.83
N GLU A 405 18.97 20.52 -15.14
CA GLU A 405 19.71 21.54 -15.90
C GLU A 405 19.02 22.90 -15.94
N VAL A 406 17.70 22.91 -15.86
CA VAL A 406 16.93 24.14 -16.01
C VAL A 406 17.07 25.12 -14.84
N VAL A 407 17.68 24.68 -13.74
CA VAL A 407 17.91 25.58 -12.62
C VAL A 407 18.88 26.70 -12.96
N SER A 408 19.64 26.52 -14.04
CA SER A 408 20.54 27.56 -14.53
C SER A 408 19.74 28.71 -15.14
N GLN A 409 18.40 28.60 -15.10
CA GLN A 409 17.53 29.64 -15.60
C GLN A 409 16.81 30.39 -14.49
N GLU A 410 17.02 29.94 -13.24
CA GLU A 410 16.42 30.58 -12.07
C GLU A 410 16.91 32.02 -11.91
N LYS A 411 15.99 32.94 -11.67
CA LYS A 411 16.32 34.37 -11.68
C LYS A 411 16.30 35.01 -10.30
N THR A 412 15.73 34.29 -9.32
CA THR A 412 15.48 34.83 -7.99
C THR A 412 16.47 34.29 -6.94
N MET A 413 16.60 32.97 -6.88
CA MET A 413 17.42 32.32 -5.87
C MET A 413 18.92 32.45 -6.18
N PHE A 414 19.28 32.35 -7.45
CA PHE A 414 20.68 32.34 -7.86
C PHE A 414 20.95 33.32 -8.99
N PRO A 415 21.35 34.55 -8.63
CA PRO A 415 21.80 35.52 -9.62
C PRO A 415 23.25 35.27 -10.04
N ASN A 416 24.00 34.59 -9.17
CA ASN A 416 25.39 34.24 -9.45
C ASN A 416 25.56 32.71 -9.43
N LEU A 417 25.33 32.07 -10.57
CA LEU A 417 25.43 30.62 -10.65
C LEU A 417 26.13 30.14 -11.93
N THR A 418 27.37 29.70 -11.79
CA THR A 418 28.16 29.26 -12.92
C THR A 418 28.25 27.73 -12.99
N ASP A 419 27.51 27.06 -12.10
CA ASP A 419 27.68 25.64 -11.86
C ASP A 419 26.45 25.03 -11.20
N VAL A 420 25.62 24.36 -11.98
CA VAL A 420 24.40 23.73 -11.47
C VAL A 420 24.68 22.84 -10.26
N ARG A 421 25.78 22.10 -10.30
CA ARG A 421 26.04 21.10 -9.27
C ARG A 421 26.48 21.71 -7.94
N GLU A 422 26.52 23.03 -7.90
CA GLU A 422 26.65 23.73 -6.62
C GLU A 422 25.32 23.84 -5.89
N VAL A 423 24.20 23.78 -6.62
CA VAL A 423 22.89 23.85 -5.98
C VAL A 423 22.10 22.54 -6.00
N VAL A 424 22.16 21.82 -7.12
CA VAL A 424 21.58 20.48 -7.18
C VAL A 424 22.71 19.44 -7.19
N THR A 425 22.95 18.83 -6.04
CA THR A 425 23.95 17.79 -5.91
C THR A 425 23.30 16.41 -6.05
N ASP A 426 24.08 15.36 -5.81
CA ASP A 426 23.58 13.98 -5.91
C ASP A 426 22.59 13.68 -4.81
N GLN A 427 22.46 14.60 -3.86
CA GLN A 427 21.58 14.43 -2.71
C GLN A 427 20.09 14.53 -3.08
N PHE A 428 19.81 15.02 -4.28
CA PHE A 428 18.43 15.31 -4.68
C PHE A 428 17.91 14.38 -5.78
N LEU A 429 16.68 13.93 -5.61
CA LEU A 429 15.88 13.43 -6.72
C LEU A 429 15.29 14.63 -7.45
N CYS A 430 14.87 14.38 -8.68
CA CYS A 430 14.37 15.42 -9.57
C CYS A 430 13.08 14.98 -10.23
N SER A 431 12.08 15.85 -10.23
CA SER A 431 10.87 15.67 -11.03
C SER A 431 10.36 17.03 -11.53
N GLY A 432 9.16 17.05 -12.09
CA GLY A 432 8.53 18.31 -12.49
C GLY A 432 8.38 18.51 -13.99
N THR A 433 8.97 17.61 -14.78
CA THR A 433 8.88 17.69 -16.23
C THR A 433 7.51 17.28 -16.75
N GLN A 434 7.25 17.55 -18.03
CA GLN A 434 6.03 17.12 -18.69
C GLN A 434 4.79 17.51 -17.89
N GLU A 435 4.04 16.51 -17.44
CA GLU A 435 2.74 16.76 -16.81
C GLU A 435 2.77 16.45 -15.32
N ASP A 436 3.94 16.53 -14.70
CA ASP A 436 4.06 16.33 -13.26
C ASP A 436 3.37 17.46 -12.49
N GLU A 437 2.88 17.12 -11.31
CA GLU A 437 2.56 18.12 -10.29
C GLU A 437 3.84 18.58 -9.60
N SER A 438 3.85 19.84 -9.16
CA SER A 438 4.95 20.40 -8.37
C SER A 438 4.46 20.73 -6.96
N PRO A 439 5.23 20.36 -5.95
CA PRO A 439 4.90 20.72 -4.57
C PRO A 439 4.87 22.22 -4.31
N CYS A 440 3.96 22.63 -3.45
CA CYS A 440 3.94 23.98 -2.90
C CYS A 440 4.84 24.05 -1.68
N LYS A 441 5.18 25.27 -1.25
CA LYS A 441 6.06 25.42 -0.10
C LYS A 441 5.51 24.72 1.14
N GLY A 442 4.20 24.80 1.36
CA GLY A 442 3.57 24.16 2.52
C GLY A 442 3.63 22.65 2.50
N GLU A 443 3.87 22.07 1.33
CA GLU A 443 3.93 20.62 1.18
C GLU A 443 5.33 20.07 1.46
N SER A 444 6.29 20.97 1.66
CA SER A 444 7.67 20.54 1.88
C SER A 444 7.84 19.79 3.19
N GLY A 445 8.81 18.87 3.19
CA GLY A 445 8.99 17.95 4.31
C GLY A 445 8.20 16.66 4.14
N GLY A 446 7.14 16.71 3.34
CA GLY A 446 6.28 15.57 3.14
C GLY A 446 6.99 14.47 2.36
N ALA A 447 6.55 13.24 2.54
CA ALA A 447 7.17 12.12 1.83
C ALA A 447 6.98 12.18 0.32
N VAL A 448 8.04 11.82 -0.38
CA VAL A 448 7.99 11.42 -1.77
C VAL A 448 8.09 9.90 -1.74
N PHE A 449 7.07 9.22 -2.24
CA PHE A 449 6.92 7.79 -1.97
C PHE A 449 6.53 7.01 -3.22
N LEU A 450 6.88 5.72 -3.25
CA LEU A 450 6.49 4.81 -4.32
C LEU A 450 5.60 3.72 -3.74
N GLU A 451 4.90 3.00 -4.62
CA GLU A 451 4.10 1.85 -4.23
C GLU A 451 4.56 0.59 -4.97
N ARG A 452 4.96 -0.42 -4.21
CA ARG A 452 5.31 -1.72 -4.76
C ARG A 452 4.75 -2.83 -3.88
N ARG A 453 4.23 -3.87 -4.53
CA ARG A 453 3.60 -5.01 -3.85
C ARG A 453 2.56 -4.53 -2.83
N PHE A 454 1.82 -3.49 -3.17
CA PHE A 454 0.76 -2.95 -2.31
C PHE A 454 1.29 -2.36 -1.00
N ARG A 455 2.56 -1.97 -0.99
CA ARG A 455 3.17 -1.35 0.18
C ARG A 455 3.79 -0.03 -0.26
N PHE A 456 4.02 0.87 0.69
CA PHE A 456 4.45 2.23 0.40
C PHE A 456 5.84 2.50 0.95
N PHE A 457 6.68 3.13 0.14
CA PHE A 457 8.10 3.27 0.45
C PHE A 457 8.51 4.72 0.26
N GLN A 458 9.11 5.33 1.28
CA GLN A 458 9.56 6.71 1.17
C GLN A 458 10.96 6.73 0.57
N VAL A 459 11.09 7.28 -0.63
CA VAL A 459 12.41 7.33 -1.26
C VAL A 459 13.06 8.70 -1.09
N GLY A 460 12.25 9.69 -0.72
CA GLY A 460 12.73 11.06 -0.65
C GLY A 460 11.79 11.93 0.16
N LEU A 461 12.14 13.21 0.24
CA LEU A 461 11.26 14.20 0.86
C LEU A 461 11.27 15.52 0.11
N VAL A 462 10.15 16.23 0.15
CA VAL A 462 9.97 17.47 -0.58
C VAL A 462 10.85 18.56 0.02
N SER A 463 11.74 19.12 -0.79
CA SER A 463 12.70 20.12 -0.34
C SER A 463 12.44 21.50 -0.96
N TRP A 464 12.71 21.62 -2.26
CA TRP A 464 12.51 22.89 -2.94
C TRP A 464 12.20 22.68 -4.42
N GLY A 465 11.92 23.76 -5.12
CA GLY A 465 11.60 23.72 -6.55
C GLY A 465 11.72 25.11 -7.13
N LEU A 466 11.48 25.23 -8.43
CA LEU A 466 11.64 26.49 -9.15
C LEU A 466 10.33 27.27 -9.26
N TYR A 467 9.23 26.63 -8.90
CA TYR A 467 7.91 27.20 -9.13
C TYR A 467 6.90 26.66 -8.12
N ASN A 468 6.35 27.56 -7.31
CA ASN A 468 5.33 27.22 -6.33
C ASN A 468 3.93 27.49 -6.89
N PRO A 469 3.17 26.42 -7.14
CA PRO A 469 1.84 26.54 -7.74
C PRO A 469 0.79 27.17 -6.83
N CYS A 470 1.07 27.25 -5.54
CA CYS A 470 0.13 27.82 -4.58
C CYS A 470 0.35 29.32 -4.37
N LEU A 471 1.40 29.86 -5.00
CA LEU A 471 1.68 31.28 -4.91
C LEU A 471 0.51 32.11 -5.43
N ARG A 479 -6.14 23.04 -2.51
CA ARG A 479 -7.25 22.81 -3.43
C ARG A 479 -7.04 23.52 -4.76
N LYS A 480 -6.33 24.65 -4.73
CA LYS A 480 -6.12 25.48 -5.92
C LYS A 480 -4.64 25.52 -6.34
N ARG A 481 -4.43 25.45 -7.65
CA ARG A 481 -3.09 25.23 -8.21
C ARG A 481 -3.03 25.81 -9.62
N ALA A 482 -1.83 26.23 -10.06
CA ALA A 482 -1.68 26.78 -11.40
C ALA A 482 -0.28 26.57 -11.96
N PRO A 483 -0.19 26.07 -13.19
CA PRO A 483 1.04 26.11 -13.97
C PRO A 483 1.09 27.30 -14.92
N ARG A 484 2.20 27.43 -15.65
CA ARG A 484 2.32 28.41 -16.74
C ARG A 484 3.31 27.90 -17.78
N SER A 485 3.56 28.69 -18.82
CA SER A 485 4.43 28.27 -19.90
C SER A 485 5.57 29.23 -20.21
N LYS A 486 6.42 29.50 -19.21
CA LYS A 486 7.59 30.36 -19.40
C LYS A 486 8.71 30.08 -18.39
N VAL A 487 9.83 30.77 -18.56
CA VAL A 487 11.11 30.42 -17.94
C VAL A 487 11.28 30.99 -16.52
N PRO A 488 11.90 30.22 -15.63
CA PRO A 488 12.25 28.82 -15.87
C PRO A 488 11.03 27.92 -15.69
N PRO A 489 11.11 26.70 -16.23
CA PRO A 489 10.00 25.76 -16.13
C PRO A 489 9.95 25.13 -14.74
N PRO A 490 8.78 24.70 -14.31
CA PRO A 490 8.64 23.97 -13.06
C PRO A 490 9.64 22.82 -12.96
N ARG A 491 10.20 22.65 -11.77
CA ARG A 491 11.18 21.60 -11.52
C ARG A 491 11.41 21.51 -10.03
N ASP A 492 11.43 20.29 -9.51
CA ASP A 492 11.34 20.06 -8.07
C ASP A 492 12.41 19.09 -7.61
N PHE A 493 12.98 19.37 -6.45
CA PHE A 493 14.16 18.68 -5.99
C PHE A 493 13.92 18.14 -4.60
N HIS A 494 14.00 16.82 -4.48
CA HIS A 494 13.64 16.12 -3.25
C HIS A 494 14.89 15.48 -2.68
N ILE A 495 15.09 15.64 -1.37
CA ILE A 495 16.18 14.95 -0.69
C ILE A 495 16.01 13.44 -0.86
N ASN A 496 17.06 12.79 -1.34
CA ASN A 496 17.06 11.37 -1.69
C ASN A 496 17.49 10.57 -0.47
N LEU A 497 16.59 9.77 0.10
CA LEU A 497 16.89 9.06 1.34
C LEU A 497 18.05 8.06 1.20
N PHE A 498 18.31 7.61 -0.02
CA PHE A 498 19.41 6.67 -0.24
C PHE A 498 20.76 7.36 -0.07
N ARG A 499 20.77 8.69 -0.15
CA ARG A 499 22.00 9.45 0.02
C ARG A 499 22.21 9.89 1.48
N MET A 500 21.21 9.66 2.32
CA MET A 500 21.23 10.17 3.69
C MET A 500 21.42 9.08 4.74
N GLN A 501 21.87 7.90 4.32
CA GLN A 501 21.87 6.71 5.17
C GLN A 501 22.69 6.82 6.46
N PRO A 502 23.95 7.25 6.38
CA PRO A 502 24.79 7.36 7.57
C PRO A 502 24.11 8.13 8.69
N TRP A 503 23.53 9.30 8.37
CA TRP A 503 22.89 10.12 9.38
C TRP A 503 21.61 9.49 9.93
N LEU A 504 20.81 8.90 9.04
CA LEU A 504 19.61 8.19 9.44
C LEU A 504 19.93 7.01 10.36
N ARG A 505 20.99 6.27 10.04
CA ARG A 505 21.41 5.14 10.85
C ARG A 505 21.89 5.57 12.23
N GLN A 506 22.55 6.72 12.28
CA GLN A 506 23.06 7.26 13.54
C GLN A 506 21.95 7.53 14.54
N HIS A 507 20.79 7.93 14.03
CA HIS A 507 19.69 8.35 14.89
C HIS A 507 18.52 7.37 14.95
N LEU A 508 18.42 6.47 13.98
CA LEU A 508 17.33 5.50 13.93
C LEU A 508 17.78 4.05 14.06
N GLY A 509 19.07 3.85 14.35
CA GLY A 509 19.65 2.52 14.43
C GLY A 509 19.04 1.63 15.50
N ASP A 510 18.56 2.25 16.58
CA ASP A 510 17.87 1.52 17.65
C ASP A 510 16.35 1.67 17.52
N VAL A 511 15.90 2.10 16.35
CA VAL A 511 14.48 2.33 16.09
C VAL A 511 14.00 1.39 15.00
N LEU A 512 14.79 1.28 13.95
CA LEU A 512 14.53 0.35 12.86
C LEU A 512 15.74 -0.53 12.71
N ASN A 513 15.59 -1.66 12.03
CA ASN A 513 16.71 -2.54 11.79
C ASN A 513 17.28 -2.36 10.38
N PHE A 514 18.40 -1.65 10.29
CA PHE A 514 19.01 -1.35 9.00
C PHE A 514 19.76 -2.52 8.38
N LEU A 515 19.67 -2.63 7.06
CA LEU A 515 20.41 -3.66 6.32
C LEU A 515 21.87 -3.25 6.16
N PRO A 516 22.74 -4.21 5.82
CA PRO A 516 24.08 -3.89 5.35
C PRO A 516 23.98 -2.88 4.23
N LEU A 517 25.01 -2.07 4.04
CA LEU A 517 24.94 -0.97 3.08
C LEU A 517 25.01 -1.49 1.65
#